data_1R7M
#
_entry.id   1R7M
#
_cell.length_a   80.600
_cell.length_b   90.700
_cell.length_c   115.300
_cell.angle_alpha   90.00
_cell.angle_beta   90.00
_cell.angle_gamma   90.00
#
_symmetry.space_group_name_H-M   'P 21 21 21'
#
loop_
_entity.id
_entity.type
_entity.pdbx_description
1 polymer "5'-D(*CP*AP*CP*GP*CP*TP*AP*GP*GP*GP*AP*TP*AP*AP*CP*AP*GP*GP*GP*TP*AP*AP*TP*AP*C)-3'"
2 polymer "5'-D(*GP*GP*TP*AP*TP*TP*AP*CP*CP*CP*TP*GP*TP*TP*AP*TP*CP*CP*CP*TP*AP*GP*CP*GP*T)-3'"
3 polymer 'Intron-encoded endonuclease I-SceI'
4 non-polymer 'CALCIUM ION'
5 water water
#
loop_
_entity_poly.entity_id
_entity_poly.type
_entity_poly.pdbx_seq_one_letter_code
_entity_poly.pdbx_strand_id
1 'polydeoxyribonucleotide'
;(DC)(DA)(DC)(DG)(DC)(DT)(DA)(DG)(DG)(DG)(DA)(DT)(DA)(DA)(DC)(DA)(DG)(DG)(DG)(DT)
(DA)(DA)(DT)(DA)(DC)
;
C,E
2 'polydeoxyribonucleotide'
;(DG)(DG)(DT)(DA)(DT)(DT)(DA)(DC)(DC)(DC)(DT)(DG)(DT)(DT)(DA)(DT)(DC)(DC)(DC)(DT)
(DA)(DG)(DC)(DG)(DT)
;
D,F
3 'polypeptide(L)'
;MKNIKKNQVMNLGPNSKLLKEYKSQLIELNIEQFEAGIGLILGDAYIRSRDEGKTYCMQFEWKNKAYMDHVCLLYDQWVL
SPPHKKERVNHLGNLVITWGAQTFKHQAFNKLANLFIVNNKKTIPNNLVENYLTPMSLAYWFMDDGGKWDYNKNSTNKSI
VLNTQSFTFEEVEYLVKGLRNKFQLNCYVKINKNKPIIYIDSMSYLIFYNLIKPYLIPQMMYKLPNTISSETFLK
;
A,B
#
loop_
_chem_comp.id
_chem_comp.type
_chem_comp.name
_chem_comp.formula
CA non-polymer 'CALCIUM ION' 'Ca 2'
DA DNA linking 2'-DEOXYADENOSINE-5'-MONOPHOSPHATE 'C10 H14 N5 O6 P'
DC DNA linking 2'-DEOXYCYTIDINE-5'-MONOPHOSPHATE 'C9 H14 N3 O7 P'
DG DNA linking 2'-DEOXYGUANOSINE-5'-MONOPHOSPHATE 'C10 H14 N5 O7 P'
DT DNA linking THYMIDINE-5'-MONOPHOSPHATE 'C10 H15 N2 O8 P'
#
# COMPACT_ATOMS: atom_id res chain seq x y z
N ASN E 3 -23.83 -12.51 45.70
CA ASN E 3 -23.64 -12.27 44.25
C ASN E 3 -24.93 -11.84 43.57
N ILE E 4 -24.90 -10.61 43.07
CA ILE E 4 -26.04 -10.01 42.37
C ILE E 4 -26.08 -10.52 40.94
N LYS E 5 -27.29 -10.74 40.42
CA LYS E 5 -27.47 -11.24 39.06
C LYS E 5 -27.96 -10.14 38.13
N LYS E 6 -27.53 -10.18 36.87
CA LYS E 6 -27.94 -9.16 35.90
C LYS E 6 -29.44 -8.93 35.98
N ASN E 7 -30.18 -10.03 35.96
CA ASN E 7 -31.63 -10.05 36.05
C ASN E 7 -32.15 -8.99 37.04
N GLN E 8 -31.46 -8.87 38.17
CA GLN E 8 -31.85 -7.93 39.22
C GLN E 8 -31.57 -6.46 38.96
N VAL E 9 -30.67 -6.16 38.03
CA VAL E 9 -30.33 -4.77 37.78
C VAL E 9 -30.61 -4.23 36.39
N MET E 10 -30.96 -5.11 35.46
CA MET E 10 -31.19 -4.69 34.09
C MET E 10 -32.39 -3.78 33.86
N ASN E 11 -32.94 -3.19 34.92
CA ASN E 11 -34.08 -2.29 34.74
C ASN E 11 -34.07 -1.13 35.72
N LEU E 12 -33.02 -1.07 36.53
CA LEU E 12 -32.89 -0.01 37.53
C LEU E 12 -32.29 1.24 36.88
N GLY E 13 -32.51 2.39 37.51
CA GLY E 13 -31.97 3.62 36.99
C GLY E 13 -30.46 3.49 36.80
N PRO E 14 -29.87 4.25 35.86
CA PRO E 14 -28.43 4.19 35.60
C PRO E 14 -27.53 4.41 36.82
N ASN E 15 -27.84 5.44 37.61
CA ASN E 15 -27.05 5.73 38.82
C ASN E 15 -27.54 4.95 40.03
N SER E 16 -28.01 3.73 39.79
CA SER E 16 -28.51 2.85 40.83
C SER E 16 -27.38 2.13 41.60
N LYS E 17 -27.50 2.12 42.93
CA LYS E 17 -26.53 1.49 43.83
C LYS E 17 -26.33 0.00 43.54
N LEU E 18 -27.45 -0.73 43.43
CA LEU E 18 -27.40 -2.15 43.14
C LEU E 18 -26.72 -2.41 41.81
N LEU E 19 -26.95 -1.50 40.86
CA LEU E 19 -26.35 -1.63 39.54
C LEU E 19 -24.83 -1.54 39.69
N LYS E 20 -24.39 -0.48 40.36
CA LYS E 20 -22.97 -0.26 40.58
C LYS E 20 -22.34 -1.40 41.37
N GLU E 21 -23.13 -2.03 42.22
CA GLU E 21 -22.63 -3.16 43.01
C GLU E 21 -22.42 -4.32 42.06
N TYR E 22 -23.36 -4.48 41.13
CA TYR E 22 -23.30 -5.52 40.12
C TYR E 22 -22.03 -5.31 39.28
N LYS E 23 -21.82 -4.05 38.88
CA LYS E 23 -20.66 -3.68 38.09
C LYS E 23 -19.35 -3.97 38.81
N SER E 24 -19.32 -3.74 40.12
CA SER E 24 -18.10 -3.96 40.90
C SER E 24 -17.74 -5.43 40.99
N GLN E 25 -18.70 -6.30 40.72
CA GLN E 25 -18.48 -7.74 40.76
C GLN E 25 -17.71 -8.17 39.51
N LEU E 26 -17.81 -7.36 38.46
CA LEU E 26 -17.11 -7.67 37.21
C LEU E 26 -15.73 -7.02 37.23
N ILE E 27 -14.72 -7.76 36.80
CA ILE E 27 -13.36 -7.25 36.80
C ILE E 27 -12.78 -7.07 35.41
N GLU E 28 -12.64 -8.16 34.67
CA GLU E 28 -12.08 -8.08 33.32
C GLU E 28 -12.94 -8.80 32.30
N LEU E 29 -12.67 -8.52 31.02
CA LEU E 29 -13.36 -9.14 29.91
C LEU E 29 -12.72 -10.51 29.74
N ASN E 30 -13.52 -11.53 29.41
CA ASN E 30 -12.99 -12.87 29.17
C ASN E 30 -12.26 -12.88 27.83
N ILE E 31 -11.43 -13.90 27.60
CA ILE E 31 -10.66 -13.98 26.35
C ILE E 31 -11.50 -13.76 25.08
N GLU E 32 -12.71 -14.29 25.04
CA GLU E 32 -13.57 -14.14 23.87
C GLU E 32 -13.97 -12.68 23.61
N GLN E 33 -14.42 -12.00 24.66
CA GLN E 33 -14.84 -10.61 24.54
C GLN E 33 -13.67 -9.70 24.13
N PHE E 34 -12.48 -10.02 24.61
CA PHE E 34 -11.31 -9.22 24.26
C PHE E 34 -10.92 -9.39 22.80
N GLU E 35 -10.65 -10.63 22.39
CA GLU E 35 -10.23 -10.89 21.03
C GLU E 35 -11.26 -10.40 20.02
N ALA E 36 -12.53 -10.72 20.23
CA ALA E 36 -13.56 -10.28 19.32
C ALA E 36 -13.58 -8.74 19.28
N GLY E 37 -13.36 -8.13 20.44
CA GLY E 37 -13.34 -6.68 20.53
C GLY E 37 -12.29 -6.02 19.66
N ILE E 38 -11.13 -6.65 19.53
CA ILE E 38 -10.07 -6.09 18.70
C ILE E 38 -10.57 -5.99 17.26
N GLY E 39 -11.33 -6.99 16.84
CA GLY E 39 -11.86 -6.99 15.48
C GLY E 39 -13.03 -6.04 15.33
N LEU E 40 -13.82 -5.89 16.40
CA LEU E 40 -14.98 -5.03 16.37
C LEU E 40 -14.57 -3.56 16.32
N ILE E 41 -13.51 -3.23 17.04
CA ILE E 41 -13.04 -1.85 17.04
C ILE E 41 -12.36 -1.54 15.73
N LEU E 42 -11.73 -2.56 15.13
CA LEU E 42 -11.10 -2.35 13.83
C LEU E 42 -12.19 -2.25 12.76
N GLY E 43 -13.38 -2.77 13.05
CA GLY E 43 -14.46 -2.77 12.05
C GLY E 43 -15.64 -1.81 12.12
N ASP E 44 -16.67 -2.16 12.88
CA ASP E 44 -17.88 -1.33 12.97
C ASP E 44 -18.24 -0.83 14.36
N ALA E 45 -17.55 -1.29 15.40
CA ALA E 45 -17.88 -0.82 16.74
C ALA E 45 -17.30 0.55 17.04
N TYR E 46 -17.69 1.08 18.19
CA TYR E 46 -17.24 2.38 18.66
C TYR E 46 -16.97 2.31 20.16
N ILE E 47 -15.71 2.52 20.54
CA ILE E 47 -15.36 2.49 21.95
C ILE E 47 -15.06 3.93 22.37
N ARG E 48 -15.84 4.43 23.34
CA ARG E 48 -15.72 5.81 23.78
C ARG E 48 -15.70 6.01 25.30
N SER E 49 -15.19 7.17 25.69
CA SER E 49 -15.12 7.54 27.09
C SER E 49 -15.73 8.91 27.25
N ARG E 50 -16.60 9.04 28.27
CA ARG E 50 -17.27 10.30 28.56
C ARG E 50 -16.54 11.01 29.68
N ASP E 51 -15.76 10.26 30.47
CA ASP E 51 -14.99 10.91 31.53
C ASP E 51 -13.68 11.26 30.84
N GLU E 52 -12.55 11.18 31.54
CA GLU E 52 -11.31 11.50 30.84
C GLU E 52 -10.41 10.27 30.75
N GLY E 53 -10.95 9.21 30.13
CA GLY E 53 -10.20 7.99 29.99
C GLY E 53 -10.28 7.07 31.21
N LYS E 54 -11.15 7.40 32.16
CA LYS E 54 -11.31 6.60 33.38
C LYS E 54 -12.06 5.30 33.08
N THR E 55 -13.11 5.40 32.27
CA THR E 55 -13.89 4.23 31.86
C THR E 55 -14.34 4.36 30.40
N TYR E 56 -14.49 3.23 29.73
CA TYR E 56 -14.97 3.22 28.35
C TYR E 56 -16.15 2.28 28.24
N CYS E 57 -16.95 2.47 27.20
CA CYS E 57 -18.08 1.59 26.93
C CYS E 57 -18.04 1.38 25.42
N MET E 58 -18.73 0.35 24.93
CA MET E 58 -18.76 0.11 23.49
C MET E 58 -20.19 0.27 22.97
N GLN E 59 -20.34 1.01 21.88
CA GLN E 59 -21.64 1.24 21.25
C GLN E 59 -21.70 0.49 19.93
N PHE E 60 -22.79 -0.24 19.71
CA PHE E 60 -22.94 -1.00 18.48
C PHE E 60 -24.11 -0.48 17.61
N GLU E 61 -24.06 -0.79 16.31
CA GLU E 61 -25.12 -0.43 15.38
C GLU E 61 -24.89 -1.13 14.03
N TRP E 62 -25.83 -2.01 13.66
CA TRP E 62 -25.76 -2.76 12.40
C TRP E 62 -27.14 -2.89 11.79
N LYS E 63 -27.21 -3.17 10.51
CA LYS E 63 -28.47 -3.36 9.86
C LYS E 63 -28.98 -4.75 10.27
N ASN E 64 -28.14 -5.77 10.14
CA ASN E 64 -28.49 -7.16 10.47
C ASN E 64 -28.70 -7.39 11.97
N LYS E 65 -29.94 -7.72 12.36
CA LYS E 65 -30.25 -7.94 13.77
C LYS E 65 -29.65 -9.22 14.36
N ALA E 66 -29.54 -10.26 13.54
CA ALA E 66 -29.00 -11.51 14.03
C ALA E 66 -27.56 -11.32 14.48
N TYR E 67 -26.79 -10.56 13.69
CA TYR E 67 -25.41 -10.30 14.03
C TYR E 67 -25.41 -9.49 15.30
N MET E 68 -26.30 -8.50 15.38
CA MET E 68 -26.40 -7.68 16.57
C MET E 68 -26.64 -8.53 17.81
N ASP E 69 -27.62 -9.43 17.73
CA ASP E 69 -27.98 -10.27 18.86
C ASP E 69 -26.81 -11.15 19.24
N HIS E 70 -26.05 -11.58 18.24
CA HIS E 70 -24.88 -12.42 18.47
C HIS E 70 -23.78 -11.68 19.24
N VAL E 71 -23.64 -10.37 18.98
CA VAL E 71 -22.61 -9.61 19.65
C VAL E 71 -23.05 -9.30 21.06
N CYS E 72 -24.34 -9.05 21.24
CA CYS E 72 -24.85 -8.75 22.58
C CYS E 72 -24.68 -9.97 23.47
N LEU E 73 -24.96 -11.14 22.91
CA LEU E 73 -24.81 -12.38 23.66
C LEU E 73 -23.32 -12.53 24.03
N LEU E 74 -22.44 -12.19 23.10
CA LEU E 74 -21.02 -12.27 23.37
C LEU E 74 -20.66 -11.40 24.58
N TYR E 75 -21.24 -10.20 24.67
CA TYR E 75 -20.98 -9.29 25.77
C TYR E 75 -22.13 -9.26 26.76
N ASP E 76 -22.83 -10.38 26.87
CA ASP E 76 -24.00 -10.55 27.74
C ASP E 76 -23.94 -9.82 29.09
N GLN E 77 -22.95 -10.19 29.91
CA GLN E 77 -22.76 -9.62 31.22
C GLN E 77 -22.63 -8.09 31.24
N TRP E 78 -22.16 -7.51 30.14
CA TRP E 78 -21.97 -6.07 30.05
C TRP E 78 -23.09 -5.32 29.32
N VAL E 79 -24.05 -6.07 28.80
CA VAL E 79 -25.16 -5.48 28.06
C VAL E 79 -26.52 -5.77 28.73
N LEU E 80 -27.02 -4.78 29.46
CA LEU E 80 -28.26 -4.85 30.21
C LEU E 80 -29.59 -4.92 29.43
N SER E 81 -29.63 -4.35 28.22
CA SER E 81 -30.84 -4.32 27.41
C SER E 81 -30.77 -4.98 26.04
N PRO E 82 -31.94 -5.40 25.51
CA PRO E 82 -32.03 -6.03 24.21
C PRO E 82 -31.72 -4.95 23.18
N PRO E 83 -31.49 -5.34 21.93
CA PRO E 83 -31.20 -4.37 20.87
C PRO E 83 -32.44 -3.50 20.65
N HIS E 84 -32.23 -2.30 20.13
CA HIS E 84 -33.33 -1.37 19.90
C HIS E 84 -33.39 -0.96 18.47
N LYS E 85 -34.58 -1.09 17.92
CA LYS E 85 -34.85 -0.74 16.54
C LYS E 85 -34.79 0.79 16.37
N LYS E 86 -34.09 1.24 15.34
CA LYS E 86 -33.97 2.65 15.03
C LYS E 86 -34.53 2.86 13.62
N GLU E 87 -35.62 3.62 13.52
CA GLU E 87 -36.24 3.88 12.22
C GLU E 87 -36.07 5.35 11.89
N ARG E 88 -35.27 5.61 10.87
CA ARG E 88 -34.99 6.98 10.47
C ARG E 88 -35.40 7.30 9.05
N VAL E 89 -35.54 8.59 8.80
CA VAL E 89 -35.91 9.09 7.48
C VAL E 89 -34.75 9.85 6.86
N ASN E 90 -34.41 9.46 5.62
CA ASN E 90 -33.34 10.06 4.82
C ASN E 90 -33.57 11.50 4.39
N HIS E 91 -32.55 12.08 3.78
CA HIS E 91 -32.66 13.43 3.24
C HIS E 91 -33.29 13.21 1.85
N LEU E 92 -33.62 11.95 1.60
CA LEU E 92 -34.24 11.49 0.36
C LEU E 92 -35.65 11.01 0.67
N GLY E 93 -36.08 11.22 1.91
CA GLY E 93 -37.40 10.79 2.33
C GLY E 93 -37.57 9.29 2.51
N ASN E 94 -36.46 8.54 2.58
CA ASN E 94 -36.55 7.09 2.74
C ASN E 94 -36.36 6.58 4.17
N LEU E 95 -37.05 5.48 4.48
CA LEU E 95 -36.96 4.87 5.79
C LEU E 95 -35.73 3.96 5.82
N VAL E 96 -34.87 4.17 6.80
CA VAL E 96 -33.66 3.36 6.94
C VAL E 96 -33.74 2.65 8.28
N ILE E 97 -33.70 1.33 8.27
CA ILE E 97 -33.79 0.58 9.53
C ILE E 97 -32.48 -0.02 10.00
N THR E 98 -32.18 0.15 11.29
CA THR E 98 -30.96 -0.40 11.87
C THR E 98 -31.22 -0.76 13.33
N TRP E 99 -30.23 -1.37 13.99
CA TRP E 99 -30.36 -1.73 15.40
C TRP E 99 -29.20 -1.18 16.19
N GLY E 100 -29.51 -0.73 17.41
CA GLY E 100 -28.49 -0.18 18.27
C GLY E 100 -28.38 -0.86 19.63
N ALA E 101 -27.21 -0.76 20.24
CA ALA E 101 -26.95 -1.36 21.54
C ALA E 101 -25.63 -0.85 22.11
N GLN E 102 -25.43 -1.07 23.40
CA GLN E 102 -24.20 -0.65 24.04
C GLN E 102 -23.99 -1.37 25.35
N THR E 103 -22.76 -1.31 25.85
CA THR E 103 -22.41 -1.90 27.13
C THR E 103 -22.45 -0.67 28.03
N PHE E 104 -22.40 -0.88 29.34
CA PHE E 104 -22.34 0.26 30.25
C PHE E 104 -20.85 0.49 30.33
N LYS E 105 -20.42 1.64 30.85
CA LYS E 105 -18.99 1.90 30.94
C LYS E 105 -18.39 1.10 32.08
N HIS E 106 -17.12 0.73 31.96
CA HIS E 106 -16.45 -0.04 33.00
C HIS E 106 -14.95 -0.05 32.71
N GLN E 107 -14.15 -0.07 33.76
CA GLN E 107 -12.71 -0.06 33.59
C GLN E 107 -12.23 -1.30 32.86
N ALA E 108 -13.11 -2.29 32.73
CA ALA E 108 -12.75 -3.51 32.01
C ALA E 108 -12.45 -3.21 30.52
N PHE E 109 -13.18 -2.23 29.97
CA PHE E 109 -13.00 -1.84 28.59
C PHE E 109 -11.74 -0.99 28.30
N ASN E 110 -11.12 -0.43 29.35
CA ASN E 110 -9.92 0.41 29.20
C ASN E 110 -8.77 -0.36 28.53
N LYS E 111 -8.68 -1.65 28.79
CA LYS E 111 -7.63 -2.46 28.22
C LYS E 111 -7.75 -2.48 26.68
N LEU E 112 -8.97 -2.60 26.17
CA LEU E 112 -9.19 -2.62 24.74
C LEU E 112 -8.97 -1.23 24.15
N ALA E 113 -9.59 -0.25 24.78
CA ALA E 113 -9.51 1.12 24.33
C ALA E 113 -8.09 1.70 24.23
N ASN E 114 -7.25 1.42 25.22
CA ASN E 114 -5.89 1.94 25.22
C ASN E 114 -5.01 1.41 24.11
N LEU E 115 -5.51 0.45 23.35
CA LEU E 115 -4.74 -0.06 22.23
C LEU E 115 -4.99 0.85 21.04
N PHE E 116 -6.21 1.36 20.93
CA PHE E 116 -6.60 2.21 19.82
C PHE E 116 -6.72 3.71 20.09
N ILE E 117 -7.31 4.07 21.22
CA ILE E 117 -7.54 5.47 21.53
C ILE E 117 -6.34 6.25 22.05
N VAL E 118 -6.23 7.47 21.54
CA VAL E 118 -5.17 8.40 21.89
C VAL E 118 -5.80 9.80 21.80
N ASN E 119 -6.05 10.42 22.95
CA ASN E 119 -6.66 11.74 22.99
C ASN E 119 -8.05 11.64 22.37
N ASN E 120 -8.76 10.58 22.75
CA ASN E 120 -10.11 10.31 22.25
C ASN E 120 -10.17 10.25 20.73
N LYS E 121 -9.03 9.94 20.13
CA LYS E 121 -8.91 9.80 18.69
C LYS E 121 -8.40 8.38 18.41
N LYS E 122 -9.04 7.73 17.45
CA LYS E 122 -8.72 6.36 17.06
C LYS E 122 -7.53 6.20 16.10
N THR E 123 -6.57 5.36 16.47
CA THR E 123 -5.38 5.10 15.65
C THR E 123 -4.95 3.63 15.71
N ILE E 124 -4.29 3.16 14.66
CA ILE E 124 -3.82 1.79 14.63
C ILE E 124 -2.33 1.77 14.89
N PRO E 125 -1.91 1.11 15.97
CA PRO E 125 -0.50 0.99 16.38
C PRO E 125 0.28 -0.05 15.56
N ASN E 126 1.58 0.17 15.46
CA ASN E 126 2.49 -0.68 14.67
C ASN E 126 2.61 -2.18 14.89
N ASN E 127 2.03 -2.73 15.95
CA ASN E 127 2.13 -4.18 16.09
C ASN E 127 0.84 -4.83 16.58
N LEU E 128 -0.25 -4.07 16.48
CA LEU E 128 -1.55 -4.55 16.91
C LEU E 128 -1.80 -5.96 16.39
N VAL E 129 -1.65 -6.15 15.09
CA VAL E 129 -1.88 -7.45 14.49
C VAL E 129 -1.00 -8.54 15.11
N GLU E 130 0.31 -8.36 15.00
CA GLU E 130 1.26 -9.32 15.53
C GLU E 130 0.99 -9.75 16.98
N ASN E 131 0.68 -8.79 17.86
CA ASN E 131 0.45 -9.13 19.28
C ASN E 131 -0.96 -9.39 19.78
N TYR E 132 -1.99 -8.98 19.05
CA TYR E 132 -3.34 -9.20 19.55
C TYR E 132 -4.36 -9.74 18.58
N LEU E 133 -4.08 -9.66 17.28
CA LEU E 133 -5.07 -10.14 16.32
C LEU E 133 -5.05 -11.66 16.20
N THR E 134 -6.11 -12.29 16.69
CA THR E 134 -6.25 -13.74 16.64
C THR E 134 -7.21 -14.15 15.54
N PRO E 135 -7.30 -15.47 15.26
CA PRO E 135 -8.22 -15.90 14.21
C PRO E 135 -9.64 -15.44 14.55
N MET E 136 -9.95 -15.35 15.84
CA MET E 136 -11.27 -14.90 16.23
C MET E 136 -11.44 -13.41 15.94
N SER E 137 -10.41 -12.61 16.23
CA SER E 137 -10.46 -11.17 15.98
C SER E 137 -10.68 -10.96 14.50
N LEU E 138 -9.87 -11.63 13.69
CA LEU E 138 -9.94 -11.52 12.24
C LEU E 138 -11.31 -11.88 11.72
N ALA E 139 -11.92 -12.91 12.31
CA ALA E 139 -13.23 -13.32 11.85
C ALA E 139 -14.27 -12.21 12.08
N TYR E 140 -14.16 -11.50 13.20
CA TYR E 140 -15.11 -10.42 13.51
C TYR E 140 -14.82 -9.18 12.67
N TRP E 141 -13.54 -8.92 12.43
CA TRP E 141 -13.13 -7.79 11.63
C TRP E 141 -13.71 -8.01 10.24
N PHE E 142 -13.76 -9.28 9.84
CA PHE E 142 -14.29 -9.64 8.53
C PHE E 142 -15.81 -9.49 8.45
N MET E 143 -16.51 -9.98 9.46
CA MET E 143 -17.97 -9.85 9.43
C MET E 143 -18.35 -8.38 9.45
N ASP E 144 -17.42 -7.53 9.91
CA ASP E 144 -17.65 -6.08 9.99
C ASP E 144 -17.32 -5.35 8.68
N ASP E 145 -16.02 -5.26 8.38
CA ASP E 145 -15.51 -4.57 7.19
C ASP E 145 -15.40 -5.46 5.97
N GLY E 146 -15.52 -6.76 6.18
CA GLY E 146 -15.38 -7.70 5.09
C GLY E 146 -16.34 -7.65 3.94
N GLY E 147 -15.84 -7.98 2.76
CA GLY E 147 -16.65 -8.00 1.55
C GLY E 147 -15.91 -8.66 0.41
N LYS E 148 -16.62 -8.87 -0.69
CA LYS E 148 -16.03 -9.49 -1.87
C LYS E 148 -15.36 -8.43 -2.74
N TRP E 149 -14.46 -8.88 -3.59
CA TRP E 149 -13.77 -8.01 -4.51
C TRP E 149 -14.67 -7.89 -5.74
N ASP E 150 -15.24 -9.03 -6.12
CA ASP E 150 -16.11 -9.13 -7.29
C ASP E 150 -17.49 -9.61 -6.86
N TYR E 151 -18.50 -8.76 -7.03
CA TYR E 151 -19.86 -9.12 -6.65
C TYR E 151 -20.69 -9.66 -7.80
N ASN E 152 -20.08 -9.77 -8.98
CA ASN E 152 -20.79 -10.29 -10.16
C ASN E 152 -21.23 -11.72 -9.91
N LYS E 153 -22.34 -12.10 -10.54
CA LYS E 153 -22.87 -13.45 -10.42
C LYS E 153 -22.08 -14.40 -11.31
N ASN E 154 -21.99 -15.66 -10.91
CA ASN E 154 -21.26 -16.69 -11.67
C ASN E 154 -19.76 -16.48 -11.70
N SER E 155 -19.23 -15.60 -10.87
CA SER E 155 -17.79 -15.37 -10.88
C SER E 155 -17.07 -16.35 -9.97
N THR E 156 -15.85 -16.69 -10.35
CA THR E 156 -15.02 -17.64 -9.60
C THR E 156 -13.97 -16.93 -8.75
N ASN E 157 -13.89 -15.62 -8.88
CA ASN E 157 -12.90 -14.84 -8.12
C ASN E 157 -13.12 -15.02 -6.63
N LYS E 158 -12.09 -15.48 -5.94
CA LYS E 158 -12.18 -15.71 -4.50
C LYS E 158 -11.47 -14.63 -3.68
N SER E 159 -11.26 -13.45 -4.28
CA SER E 159 -10.58 -12.36 -3.58
C SER E 159 -11.45 -11.63 -2.56
N ILE E 160 -10.89 -11.39 -1.39
CA ILE E 160 -11.60 -10.72 -0.29
C ILE E 160 -11.10 -9.29 -0.12
N VAL E 161 -11.97 -8.44 0.43
CA VAL E 161 -11.64 -7.04 0.67
C VAL E 161 -12.04 -6.66 2.09
N LEU E 162 -11.21 -5.84 2.72
CA LEU E 162 -11.50 -5.32 4.06
C LEU E 162 -11.60 -3.82 3.86
N ASN E 163 -12.79 -3.27 4.06
CA ASN E 163 -13.04 -1.84 3.86
C ASN E 163 -12.55 -0.95 5.00
N THR E 164 -11.26 -0.60 4.95
CA THR E 164 -10.59 0.22 5.95
C THR E 164 -10.47 1.68 5.54
N GLN E 165 -11.49 2.20 4.86
CA GLN E 165 -11.49 3.58 4.37
C GLN E 165 -11.26 4.72 5.36
N SER E 166 -11.46 4.50 6.66
CA SER E 166 -11.26 5.57 7.64
C SER E 166 -9.83 5.64 8.22
N PHE E 167 -9.00 4.65 7.91
CA PHE E 167 -7.62 4.57 8.40
C PHE E 167 -6.64 5.30 7.46
N THR E 168 -5.46 5.65 7.98
CA THR E 168 -4.46 6.31 7.16
C THR E 168 -3.65 5.23 6.43
N PHE E 169 -2.93 5.62 5.39
CA PHE E 169 -2.13 4.67 4.65
C PHE E 169 -1.05 4.04 5.54
N GLU E 170 -0.48 4.84 6.44
CA GLU E 170 0.53 4.34 7.36
C GLU E 170 -0.14 3.23 8.19
N GLU E 171 -1.31 3.55 8.73
CA GLU E 171 -2.08 2.60 9.53
C GLU E 171 -2.36 1.32 8.77
N VAL E 172 -2.85 1.46 7.54
CA VAL E 172 -3.14 0.27 6.73
C VAL E 172 -1.88 -0.54 6.47
N GLU E 173 -0.74 0.15 6.39
CA GLU E 173 0.53 -0.55 6.16
C GLU E 173 0.86 -1.44 7.39
N TYR E 174 0.62 -0.94 8.60
CA TYR E 174 0.89 -1.75 9.81
C TYR E 174 0.03 -3.01 9.75
N LEU E 175 -1.25 -2.83 9.46
CA LEU E 175 -2.17 -3.96 9.38
C LEU E 175 -1.73 -4.97 8.32
N VAL E 176 -1.40 -4.48 7.13
CA VAL E 176 -0.99 -5.37 6.05
C VAL E 176 0.28 -6.15 6.40
N LYS E 177 1.23 -5.49 7.06
CA LYS E 177 2.48 -6.13 7.47
C LYS E 177 2.15 -7.27 8.42
N GLY E 178 1.33 -6.95 9.42
CA GLY E 178 0.93 -7.95 10.41
C GLY E 178 0.21 -9.13 9.80
N LEU E 179 -0.70 -8.85 8.88
CA LEU E 179 -1.48 -9.89 8.22
C LEU E 179 -0.61 -10.80 7.36
N ARG E 180 0.32 -10.21 6.64
CA ARG E 180 1.20 -11.00 5.78
C ARG E 180 2.12 -11.88 6.61
N ASN E 181 2.87 -11.28 7.52
CA ASN E 181 3.81 -12.01 8.35
C ASN E 181 3.21 -13.09 9.24
N LYS E 182 2.13 -12.75 9.94
CA LYS E 182 1.48 -13.67 10.86
C LYS E 182 0.60 -14.74 10.24
N PHE E 183 -0.17 -14.41 9.21
CA PHE E 183 -1.07 -15.39 8.61
C PHE E 183 -0.74 -15.81 7.18
N GLN E 184 0.43 -15.42 6.67
CA GLN E 184 0.83 -15.80 5.32
C GLN E 184 -0.22 -15.40 4.27
N LEU E 185 -0.97 -14.34 4.55
CA LEU E 185 -1.99 -13.87 3.64
C LEU E 185 -1.40 -13.00 2.57
N ASN E 186 -1.73 -13.25 1.31
CA ASN E 186 -1.21 -12.40 0.25
C ASN E 186 -2.16 -11.24 0.02
N CYS E 187 -1.99 -10.18 0.82
CA CYS E 187 -2.82 -9.00 0.72
C CYS E 187 -1.99 -7.72 0.63
N TYR E 188 -2.62 -6.66 0.14
CA TYR E 188 -1.95 -5.37 0.01
C TYR E 188 -2.97 -4.22 -0.15
N VAL E 189 -2.48 -2.99 -0.11
CA VAL E 189 -3.32 -1.81 -0.22
C VAL E 189 -3.78 -1.45 -1.63
N LYS E 190 -5.05 -1.10 -1.74
CA LYS E 190 -5.65 -0.66 -2.99
C LYS E 190 -6.51 0.55 -2.65
N ILE E 191 -7.06 1.20 -3.66
CA ILE E 191 -7.85 2.39 -3.39
C ILE E 191 -9.34 2.26 -3.73
N ASN E 192 -10.15 2.99 -2.98
CA ASN E 192 -11.60 3.01 -3.15
C ASN E 192 -12.09 4.36 -2.63
N LYS E 193 -12.66 5.14 -3.54
CA LYS E 193 -13.12 6.47 -3.19
C LYS E 193 -11.92 7.21 -2.65
N ASN E 194 -10.77 7.00 -3.31
CA ASN E 194 -9.52 7.63 -2.94
C ASN E 194 -9.04 7.27 -1.54
N LYS E 195 -9.64 6.24 -0.96
CA LYS E 195 -9.24 5.84 0.37
C LYS E 195 -8.75 4.39 0.41
N PRO E 196 -7.79 4.09 1.31
CA PRO E 196 -7.20 2.75 1.47
C PRO E 196 -8.12 1.64 1.89
N ILE E 197 -7.98 0.50 1.23
CA ILE E 197 -8.73 -0.70 1.57
C ILE E 197 -7.74 -1.83 1.47
N ILE E 198 -8.01 -2.96 2.12
CA ILE E 198 -7.10 -4.08 2.04
C ILE E 198 -7.66 -5.16 1.13
N TYR E 199 -6.91 -5.44 0.07
CA TYR E 199 -7.25 -6.45 -0.92
C TYR E 199 -6.54 -7.75 -0.54
N ILE E 200 -7.30 -8.85 -0.48
CA ILE E 200 -6.73 -10.15 -0.17
C ILE E 200 -6.90 -10.99 -1.42
N ASP E 201 -5.78 -11.37 -2.02
CA ASP E 201 -5.80 -12.16 -3.25
C ASP E 201 -6.51 -13.50 -3.08
N SER E 202 -7.29 -13.89 -4.08
CA SER E 202 -8.02 -15.14 -4.06
C SER E 202 -7.10 -16.33 -3.79
N MET E 203 -5.81 -16.14 -4.03
CA MET E 203 -4.84 -17.20 -3.81
C MET E 203 -4.73 -17.53 -2.34
N SER E 204 -5.15 -16.61 -1.48
CA SER E 204 -5.07 -16.84 -0.04
C SER E 204 -6.42 -17.21 0.58
N TYR E 205 -7.46 -17.23 -0.25
CA TYR E 205 -8.82 -17.51 0.21
C TYR E 205 -8.99 -18.69 1.16
N LEU E 206 -8.58 -19.88 0.72
CA LEU E 206 -8.70 -21.08 1.53
C LEU E 206 -8.04 -20.89 2.90
N ILE E 207 -6.87 -20.24 2.90
CA ILE E 207 -6.17 -19.98 4.14
C ILE E 207 -7.08 -19.08 4.99
N PHE E 208 -7.51 -17.96 4.41
CA PHE E 208 -8.37 -17.00 5.10
C PHE E 208 -9.62 -17.66 5.67
N TYR E 209 -10.29 -18.46 4.85
CA TYR E 209 -11.50 -19.16 5.26
C TYR E 209 -11.33 -20.11 6.45
N ASN E 210 -10.32 -20.97 6.38
CA ASN E 210 -10.07 -21.90 7.48
C ASN E 210 -9.81 -21.20 8.79
N LEU E 211 -9.22 -20.01 8.71
CA LEU E 211 -8.92 -19.24 9.91
C LEU E 211 -10.18 -18.68 10.61
N ILE E 212 -11.08 -18.09 9.84
CA ILE E 212 -12.28 -17.47 10.39
C ILE E 212 -13.54 -18.35 10.41
N LYS E 213 -13.47 -19.51 9.76
CA LYS E 213 -14.62 -20.41 9.70
C LYS E 213 -15.24 -20.73 11.05
N PRO E 214 -14.42 -21.09 12.05
CA PRO E 214 -14.96 -21.42 13.37
C PRO E 214 -15.81 -20.34 14.02
N TYR E 215 -15.77 -19.12 13.50
CA TYR E 215 -16.53 -18.06 14.13
C TYR E 215 -17.59 -17.30 13.37
N LEU E 216 -17.58 -17.32 12.05
CA LEU E 216 -18.63 -16.58 11.37
C LEU E 216 -19.98 -17.26 11.57
N ILE E 217 -21.00 -16.46 11.86
CA ILE E 217 -22.34 -16.99 12.06
C ILE E 217 -22.96 -17.25 10.69
N PRO E 218 -23.99 -18.12 10.64
CA PRO E 218 -24.66 -18.46 9.37
C PRO E 218 -25.12 -17.26 8.53
N GLN E 219 -25.91 -16.38 9.14
CA GLN E 219 -26.45 -15.21 8.46
C GLN E 219 -25.42 -14.18 8.04
N MET E 220 -24.17 -14.59 8.00
CA MET E 220 -23.10 -13.69 7.61
C MET E 220 -22.28 -14.41 6.53
N MET E 221 -22.58 -15.68 6.33
CA MET E 221 -21.89 -16.52 5.35
C MET E 221 -21.98 -15.94 3.93
N TYR E 222 -23.05 -15.20 3.66
CA TYR E 222 -23.28 -14.61 2.34
C TYR E 222 -22.16 -13.67 1.90
N LYS E 223 -21.33 -13.23 2.85
CA LYS E 223 -20.22 -12.34 2.52
C LYS E 223 -19.06 -13.04 1.82
N LEU E 224 -18.99 -14.37 1.96
CA LEU E 224 -17.93 -15.14 1.35
C LEU E 224 -18.23 -15.43 -0.13
N PRO E 225 -17.17 -15.72 -0.92
CA PRO E 225 -17.30 -16.02 -2.34
C PRO E 225 -17.97 -17.37 -2.59
N ASN F 3 38.23 -4.44 -36.88
CA ASN F 3 36.90 -3.98 -36.37
C ASN F 3 36.75 -2.47 -36.48
N ILE F 4 35.50 -2.03 -36.64
CA ILE F 4 35.19 -0.63 -36.78
C ILE F 4 35.09 0.07 -35.42
N LYS F 5 35.21 1.38 -35.42
CA LYS F 5 35.13 2.17 -34.19
C LYS F 5 33.97 3.16 -34.30
N LYS F 6 33.28 3.45 -33.20
CA LYS F 6 32.14 4.37 -33.22
C LYS F 6 32.47 5.66 -33.97
N ASN F 7 33.72 6.08 -33.86
CA ASN F 7 34.20 7.28 -34.52
C ASN F 7 33.89 7.25 -36.03
N GLN F 8 33.97 6.07 -36.62
CA GLN F 8 33.76 5.88 -38.05
C GLN F 8 32.32 5.74 -38.55
N VAL F 9 31.39 5.42 -37.67
CA VAL F 9 30.01 5.27 -38.13
C VAL F 9 29.06 6.34 -37.62
N MET F 10 29.44 7.02 -36.55
CA MET F 10 28.61 8.04 -35.93
C MET F 10 28.26 9.24 -36.81
N ASN F 11 27.89 8.97 -38.06
CA ASN F 11 27.50 10.02 -39.01
C ASN F 11 27.01 9.42 -40.32
N LEU F 12 27.00 8.09 -40.39
CA LEU F 12 26.56 7.39 -41.60
C LEU F 12 25.04 7.22 -41.63
N GLY F 13 24.54 6.54 -42.65
CA GLY F 13 23.10 6.32 -42.77
C GLY F 13 22.57 5.26 -41.83
N PRO F 14 21.31 5.39 -41.39
CA PRO F 14 20.72 4.40 -40.49
C PRO F 14 20.89 2.97 -40.97
N ASN F 15 20.62 2.76 -42.25
CA ASN F 15 20.72 1.42 -42.84
C ASN F 15 22.03 1.26 -43.58
N SER F 16 23.12 1.65 -42.93
CA SER F 16 24.45 1.55 -43.51
C SER F 16 25.17 0.25 -43.15
N LYS F 17 25.92 -0.29 -44.10
CA LYS F 17 26.68 -1.52 -43.91
C LYS F 17 27.71 -1.37 -42.79
N LEU F 18 28.55 -0.35 -42.92
CA LEU F 18 29.59 -0.10 -41.93
C LEU F 18 29.01 -0.02 -40.52
N LEU F 19 27.83 0.58 -40.38
CA LEU F 19 27.20 0.70 -39.07
C LEU F 19 26.82 -0.69 -38.58
N LYS F 20 26.17 -1.44 -39.44
CA LYS F 20 25.75 -2.79 -39.10
C LYS F 20 26.94 -3.66 -38.71
N GLU F 21 28.10 -3.40 -39.31
CA GLU F 21 29.30 -4.16 -38.96
C GLU F 21 29.67 -3.78 -37.53
N TYR F 22 29.56 -2.50 -37.23
CA TYR F 22 29.86 -1.97 -35.91
C TYR F 22 28.93 -2.59 -34.85
N LYS F 23 27.64 -2.66 -35.16
CA LYS F 23 26.67 -3.21 -34.22
C LYS F 23 26.89 -4.69 -33.98
N SER F 24 27.34 -5.41 -35.00
CA SER F 24 27.58 -6.84 -34.88
C SER F 24 28.76 -7.13 -33.97
N GLN F 25 29.55 -6.11 -33.66
CA GLN F 25 30.69 -6.28 -32.77
C GLN F 25 30.22 -6.30 -31.32
N LEU F 26 29.12 -5.62 -31.04
CA LEU F 26 28.57 -5.55 -29.69
C LEU F 26 27.66 -6.75 -29.47
N ILE F 27 27.80 -7.41 -28.32
CA ILE F 27 26.98 -8.58 -28.06
C ILE F 27 25.96 -8.38 -26.97
N GLU F 28 26.43 -7.95 -25.81
CA GLU F 28 25.55 -7.74 -24.67
C GLU F 28 25.96 -6.52 -23.86
N LEU F 29 25.00 -5.96 -23.11
CA LEU F 29 25.26 -4.81 -22.27
C LEU F 29 26.18 -5.29 -21.15
N ASN F 30 27.03 -4.41 -20.62
CA ASN F 30 27.90 -4.83 -19.53
C ASN F 30 27.08 -4.73 -18.25
N ILE F 31 27.66 -5.17 -17.13
CA ILE F 31 26.96 -5.15 -15.86
C ILE F 31 26.39 -3.78 -15.47
N GLU F 32 27.19 -2.73 -15.55
CA GLU F 32 26.72 -1.40 -15.16
C GLU F 32 25.50 -0.94 -15.98
N GLN F 33 25.54 -1.20 -17.27
CA GLN F 33 24.47 -0.79 -18.14
C GLN F 33 23.19 -1.53 -17.80
N PHE F 34 23.30 -2.81 -17.46
CA PHE F 34 22.13 -3.60 -17.12
C PHE F 34 21.47 -3.10 -15.84
N GLU F 35 22.28 -2.99 -14.79
CA GLU F 35 21.82 -2.54 -13.48
C GLU F 35 21.24 -1.11 -13.50
N ALA F 36 21.95 -0.18 -14.11
CA ALA F 36 21.42 1.17 -14.21
C ALA F 36 20.12 1.04 -15.02
N GLY F 37 20.16 0.23 -16.07
CA GLY F 37 19.00 0.02 -16.93
C GLY F 37 17.73 -0.26 -16.15
N ILE F 38 17.84 -1.14 -15.15
CA ILE F 38 16.69 -1.50 -14.32
C ILE F 38 16.10 -0.23 -13.73
N GLY F 39 16.96 0.63 -13.19
CA GLY F 39 16.48 1.86 -12.58
C GLY F 39 15.85 2.85 -13.55
N LEU F 40 16.49 3.03 -14.69
CA LEU F 40 16.03 3.96 -15.69
C LEU F 40 14.68 3.56 -16.27
N ILE F 41 14.45 2.26 -16.44
CA ILE F 41 13.18 1.81 -16.98
C ILE F 41 12.08 1.92 -15.93
N LEU F 42 12.46 1.80 -14.68
CA LEU F 42 11.47 1.94 -13.62
C LEU F 42 11.16 3.41 -13.48
N GLY F 43 12.08 4.24 -13.93
CA GLY F 43 11.91 5.66 -13.76
C GLY F 43 11.47 6.57 -14.89
N ASP F 44 12.45 7.19 -15.52
CA ASP F 44 12.21 8.16 -16.58
C ASP F 44 12.55 7.69 -17.98
N ALA F 45 13.17 6.52 -18.13
CA ALA F 45 13.52 6.06 -19.48
C ALA F 45 12.37 5.33 -20.18
N TYR F 46 12.59 4.96 -21.43
CA TYR F 46 11.58 4.29 -22.23
C TYR F 46 12.25 3.29 -23.17
N ILE F 47 11.89 2.02 -23.04
CA ILE F 47 12.48 0.99 -23.89
C ILE F 47 11.36 0.52 -24.82
N ARG F 48 11.66 0.49 -26.12
CA ARG F 48 10.66 0.12 -27.11
C ARG F 48 11.18 -0.76 -28.22
N SER F 49 10.26 -1.37 -28.94
CA SER F 49 10.59 -2.21 -30.08
C SER F 49 9.71 -1.80 -31.26
N ARG F 50 10.20 -1.98 -32.48
CA ARG F 50 9.45 -1.63 -33.68
C ARG F 50 9.33 -2.86 -34.57
N ASP F 51 10.11 -3.89 -34.24
CA ASP F 51 10.11 -5.13 -35.02
C ASP F 51 9.43 -6.26 -34.27
N GLU F 52 8.49 -5.90 -33.40
CA GLU F 52 7.73 -6.87 -32.61
C GLU F 52 8.54 -7.75 -31.65
N GLY F 53 9.47 -7.15 -30.92
CA GLY F 53 10.23 -7.92 -29.95
C GLY F 53 11.61 -8.43 -30.36
N LYS F 54 11.93 -8.38 -31.65
CA LYS F 54 13.23 -8.84 -32.13
C LYS F 54 14.36 -8.00 -31.53
N THR F 55 14.22 -6.69 -31.59
CA THR F 55 15.23 -5.79 -31.01
C THR F 55 14.55 -4.65 -30.23
N TYR F 56 15.33 -4.01 -29.35
CA TYR F 56 14.86 -2.89 -28.54
C TYR F 56 15.90 -1.78 -28.45
N CYS F 57 15.42 -0.56 -28.28
CA CYS F 57 16.31 0.58 -28.10
C CYS F 57 15.78 1.35 -26.89
N MET F 58 16.59 2.26 -26.35
CA MET F 58 16.17 3.06 -25.21
C MET F 58 16.15 4.53 -25.63
N GLN F 59 15.10 5.25 -25.27
CA GLN F 59 14.97 6.67 -25.58
C GLN F 59 15.04 7.45 -24.26
N PHE F 60 15.86 8.49 -24.22
CA PHE F 60 16.03 9.30 -23.02
C PHE F 60 15.56 10.74 -23.20
N GLU F 61 14.98 11.32 -22.13
CA GLU F 61 14.57 12.72 -22.19
C GLU F 61 14.50 13.30 -20.79
N TRP F 62 15.30 14.34 -20.56
CA TRP F 62 15.37 15.02 -19.28
C TRP F 62 15.57 16.52 -19.45
N LYS F 63 15.26 17.27 -18.41
CA LYS F 63 15.50 18.71 -18.43
C LYS F 63 16.97 18.94 -18.04
N ASN F 64 17.44 18.20 -17.04
CA ASN F 64 18.83 18.30 -16.56
C ASN F 64 19.82 17.69 -17.54
N LYS F 65 20.58 18.54 -18.25
CA LYS F 65 21.54 18.03 -19.22
C LYS F 65 22.70 17.22 -18.64
N ALA F 66 23.22 17.63 -17.49
CA ALA F 66 24.32 16.93 -16.86
C ALA F 66 23.95 15.47 -16.64
N TYR F 67 22.72 15.23 -16.18
CA TYR F 67 22.25 13.89 -15.95
C TYR F 67 22.18 13.17 -17.29
N MET F 68 21.65 13.86 -18.29
CA MET F 68 21.53 13.29 -19.64
C MET F 68 22.89 12.88 -20.18
N ASP F 69 23.87 13.77 -20.00
CA ASP F 69 25.21 13.48 -20.49
C ASP F 69 25.74 12.28 -19.72
N HIS F 70 25.50 12.28 -18.41
CA HIS F 70 25.95 11.21 -17.55
C HIS F 70 25.44 9.86 -18.04
N VAL F 71 24.18 9.80 -18.45
CA VAL F 71 23.62 8.53 -18.93
C VAL F 71 24.16 8.12 -20.29
N CYS F 72 24.27 9.09 -21.19
CA CYS F 72 24.77 8.80 -22.52
C CYS F 72 26.16 8.18 -22.44
N LEU F 73 26.99 8.68 -21.52
CA LEU F 73 28.34 8.16 -21.36
C LEU F 73 28.26 6.72 -20.87
N LEU F 74 27.40 6.48 -19.88
CA LEU F 74 27.22 5.12 -19.37
C LEU F 74 26.95 4.15 -20.53
N TYR F 75 26.14 4.58 -21.50
CA TYR F 75 25.82 3.74 -22.66
C TYR F 75 26.56 4.24 -23.88
N ASP F 76 27.74 4.80 -23.65
CA ASP F 76 28.56 5.39 -24.70
C ASP F 76 28.57 4.64 -26.03
N GLN F 77 28.95 3.37 -25.99
CA GLN F 77 29.02 2.55 -27.19
C GLN F 77 27.70 2.32 -27.91
N TRP F 78 26.59 2.65 -27.27
CA TRP F 78 25.29 2.42 -27.90
C TRP F 78 24.62 3.72 -28.36
N VAL F 79 25.16 4.85 -27.93
CA VAL F 79 24.60 6.14 -28.30
C VAL F 79 25.56 6.81 -29.30
N LEU F 80 25.10 6.95 -30.54
CA LEU F 80 25.87 7.50 -31.63
C LEU F 80 26.02 9.01 -31.70
N SER F 81 25.01 9.75 -31.24
CA SER F 81 25.08 11.20 -31.31
C SER F 81 24.98 11.86 -29.95
N PRO F 82 25.43 13.12 -29.87
CA PRO F 82 25.35 13.83 -28.58
C PRO F 82 23.86 14.06 -28.35
N PRO F 83 23.47 14.55 -27.17
CA PRO F 83 22.05 14.78 -26.90
C PRO F 83 21.53 15.96 -27.73
N HIS F 84 20.31 15.84 -28.26
CA HIS F 84 19.74 16.93 -29.06
C HIS F 84 18.88 17.86 -28.21
N LYS F 85 19.13 19.16 -28.31
CA LYS F 85 18.37 20.16 -27.56
C LYS F 85 16.96 20.33 -28.14
N LYS F 86 15.95 20.17 -27.30
CA LYS F 86 14.56 20.29 -27.75
C LYS F 86 13.88 21.53 -27.17
N GLU F 87 13.56 22.52 -28.01
CA GLU F 87 12.90 23.74 -27.55
C GLU F 87 11.48 23.74 -28.07
N ARG F 88 10.50 23.68 -27.18
CA ARG F 88 9.10 23.67 -27.58
C ARG F 88 8.32 24.78 -26.88
N VAL F 89 7.13 25.06 -27.40
CA VAL F 89 6.26 26.07 -26.82
C VAL F 89 4.94 25.36 -26.55
N ASN F 90 4.49 25.40 -25.30
CA ASN F 90 3.26 24.74 -24.92
C ASN F 90 2.05 25.59 -25.25
N HIS F 91 0.85 25.10 -24.92
CA HIS F 91 -0.36 25.84 -25.22
C HIS F 91 -0.48 27.12 -24.39
N LEU F 92 0.50 27.34 -23.51
CA LEU F 92 0.52 28.53 -22.65
C LEU F 92 1.46 29.58 -23.25
N GLY F 93 2.00 29.26 -24.41
CA GLY F 93 2.90 30.20 -25.06
C GLY F 93 4.25 30.30 -24.41
N ASN F 94 4.58 29.34 -23.55
CA ASN F 94 5.87 29.36 -22.87
C ASN F 94 6.87 28.44 -23.54
N LEU F 95 8.14 28.81 -23.44
CA LEU F 95 9.22 28.03 -24.02
C LEU F 95 9.73 27.02 -23.00
N VAL F 96 9.72 25.75 -23.40
CA VAL F 96 10.15 24.67 -22.54
C VAL F 96 11.38 23.99 -23.15
N ILE F 97 12.51 24.05 -22.45
CA ILE F 97 13.73 23.43 -22.94
C ILE F 97 14.00 22.07 -22.29
N THR F 98 14.37 21.11 -23.12
CA THR F 98 14.63 19.76 -22.65
C THR F 98 15.68 19.15 -23.58
N TRP F 99 16.23 18.00 -23.20
CA TRP F 99 17.22 17.34 -24.04
C TRP F 99 16.82 15.91 -24.31
N GLY F 100 17.04 15.45 -25.53
CA GLY F 100 16.70 14.09 -25.89
C GLY F 100 17.86 13.30 -26.46
N ALA F 101 17.73 11.97 -26.49
CA ALA F 101 18.79 11.12 -27.01
C ALA F 101 18.29 9.68 -27.06
N GLN F 102 19.03 8.80 -27.72
CA GLN F 102 18.60 7.41 -27.79
C GLN F 102 19.73 6.46 -28.17
N THR F 103 19.53 5.18 -27.90
CA THR F 103 20.52 4.18 -28.27
C THR F 103 19.94 3.58 -29.54
N PHE F 104 20.78 2.94 -30.34
CA PHE F 104 20.27 2.29 -31.55
C PHE F 104 19.66 0.98 -31.07
N LYS F 105 18.79 0.40 -31.88
CA LYS F 105 18.16 -0.86 -31.48
C LYS F 105 19.13 -2.01 -31.66
N HIS F 106 19.30 -2.80 -30.59
CA HIS F 106 20.20 -3.93 -30.62
C HIS F 106 19.57 -5.04 -29.78
N GLN F 107 19.82 -6.29 -30.15
CA GLN F 107 19.21 -7.38 -29.40
C GLN F 107 19.75 -7.42 -27.98
N ALA F 108 20.82 -6.69 -27.73
CA ALA F 108 21.41 -6.65 -26.39
C ALA F 108 20.42 -6.05 -25.38
N PHE F 109 19.54 -5.19 -25.85
CA PHE F 109 18.58 -4.55 -24.97
C PHE F 109 17.40 -5.47 -24.65
N ASN F 110 17.24 -6.53 -25.43
CA ASN F 110 16.16 -7.48 -25.23
C ASN F 110 16.19 -8.10 -23.82
N LYS F 111 17.37 -8.08 -23.20
CA LYS F 111 17.55 -8.64 -21.87
C LYS F 111 16.80 -7.81 -20.83
N LEU F 112 16.82 -6.49 -21.00
CA LEU F 112 16.12 -5.61 -20.08
C LEU F 112 14.64 -5.64 -20.42
N ALA F 113 14.32 -5.23 -21.65
CA ALA F 113 12.94 -5.19 -22.09
C ALA F 113 12.11 -6.38 -21.63
N ASN F 114 12.64 -7.58 -21.79
CA ASN F 114 11.94 -8.80 -21.41
C ASN F 114 11.58 -8.92 -19.93
N LEU F 115 12.22 -8.12 -19.09
CA LEU F 115 11.90 -8.18 -17.67
C LEU F 115 10.71 -7.27 -17.35
N PHE F 116 10.41 -6.33 -18.25
CA PHE F 116 9.34 -5.39 -18.06
C PHE F 116 8.21 -5.45 -19.06
N ILE F 117 8.55 -5.49 -20.36
CA ILE F 117 7.48 -5.43 -21.36
C ILE F 117 6.94 -6.74 -21.87
N VAL F 118 5.62 -6.83 -21.53
CA VAL F 118 4.70 -7.93 -21.86
C VAL F 118 3.56 -7.47 -22.75
N ASN F 119 3.49 -8.13 -23.89
CA ASN F 119 2.47 -7.80 -24.84
C ASN F 119 2.59 -6.34 -25.18
N ASN F 120 3.80 -5.87 -25.36
CA ASN F 120 3.89 -4.48 -25.73
C ASN F 120 3.19 -3.63 -24.67
N LYS F 121 3.82 -3.45 -23.52
CA LYS F 121 3.27 -2.65 -22.42
C LYS F 121 4.04 -3.01 -21.15
N LYS F 122 4.62 -1.97 -20.55
CA LYS F 122 5.42 -2.06 -19.34
C LYS F 122 4.65 -2.60 -18.15
N THR F 123 5.19 -3.66 -17.56
CA THR F 123 4.59 -4.28 -16.40
C THR F 123 5.66 -4.60 -15.38
N ILE F 124 5.36 -4.44 -14.09
CA ILE F 124 6.33 -4.74 -13.06
C ILE F 124 6.05 -6.14 -12.50
N PRO F 125 6.88 -7.12 -12.86
CA PRO F 125 6.68 -8.48 -12.38
C PRO F 125 7.08 -8.64 -10.91
N ASN F 126 6.46 -9.60 -10.24
CA ASN F 126 6.80 -9.85 -8.86
C ASN F 126 8.25 -10.31 -8.84
N ASN F 127 8.93 -10.04 -7.72
CA ASN F 127 10.32 -10.40 -7.54
C ASN F 127 11.32 -9.68 -8.46
N LEU F 128 10.88 -8.64 -9.17
CA LEU F 128 11.82 -7.91 -10.01
C LEU F 128 12.89 -7.30 -9.13
N VAL F 129 12.47 -6.68 -8.03
CA VAL F 129 13.39 -6.06 -7.12
C VAL F 129 14.39 -7.05 -6.52
N GLU F 130 13.88 -8.12 -5.92
CA GLU F 130 14.71 -9.14 -5.29
C GLU F 130 15.75 -9.72 -6.25
N ASN F 131 15.35 -9.94 -7.50
CA ASN F 131 16.24 -10.52 -8.50
C ASN F 131 17.13 -9.61 -9.31
N TYR F 132 16.77 -8.35 -9.50
CA TYR F 132 17.63 -7.52 -10.33
C TYR F 132 18.00 -6.13 -9.83
N LEU F 133 17.26 -5.60 -8.87
CA LEU F 133 17.53 -4.27 -8.36
C LEU F 133 18.72 -4.16 -7.42
N THR F 134 19.82 -3.59 -7.90
CA THR F 134 20.99 -3.41 -7.05
C THR F 134 21.02 -2.00 -6.52
N PRO F 135 22.02 -1.67 -5.69
CA PRO F 135 22.04 -0.29 -5.19
C PRO F 135 22.22 0.68 -6.36
N MET F 136 22.99 0.28 -7.37
CA MET F 136 23.18 1.16 -8.52
C MET F 136 21.82 1.38 -9.19
N SER F 137 21.04 0.31 -9.28
CA SER F 137 19.71 0.39 -9.87
C SER F 137 18.85 1.35 -9.05
N LEU F 138 18.94 1.23 -7.73
CA LEU F 138 18.16 2.07 -6.84
C LEU F 138 18.56 3.54 -7.02
N ALA F 139 19.85 3.78 -7.27
CA ALA F 139 20.33 5.15 -7.43
C ALA F 139 19.76 5.81 -8.68
N TYR F 140 19.79 5.13 -9.81
CA TYR F 140 19.24 5.74 -11.01
C TYR F 140 17.73 5.91 -10.88
N TRP F 141 17.08 4.95 -10.24
CA TRP F 141 15.63 5.05 -10.05
C TRP F 141 15.37 6.33 -9.25
N PHE F 142 16.15 6.54 -8.20
CA PHE F 142 15.99 7.73 -7.39
C PHE F 142 16.26 9.03 -8.15
N MET F 143 17.29 9.05 -8.98
CA MET F 143 17.58 10.28 -9.72
C MET F 143 16.50 10.56 -10.74
N ASP F 144 15.75 9.53 -11.11
CA ASP F 144 14.64 9.69 -12.06
C ASP F 144 13.35 10.09 -11.32
N ASP F 145 12.81 9.15 -10.55
CA ASP F 145 11.55 9.36 -9.84
C ASP F 145 11.60 9.94 -8.45
N GLY F 146 12.80 10.04 -7.89
CA GLY F 146 12.95 10.53 -6.54
C GLY F 146 12.61 11.96 -6.26
N GLY F 147 12.19 12.21 -5.03
CA GLY F 147 11.85 13.55 -4.59
C GLY F 147 11.75 13.59 -3.07
N LYS F 148 11.48 14.78 -2.53
CA LYS F 148 11.30 14.93 -1.09
C LYS F 148 9.83 14.73 -0.83
N TRP F 149 9.48 14.55 0.44
CA TRP F 149 8.10 14.38 0.84
C TRP F 149 7.66 15.73 1.41
N ASP F 150 8.62 16.43 2.00
CA ASP F 150 8.37 17.73 2.59
C ASP F 150 9.36 18.73 2.00
N TYR F 151 8.89 19.55 1.07
CA TYR F 151 9.75 20.53 0.46
C TYR F 151 9.82 21.83 1.24
N ASN F 152 9.16 21.89 2.39
CA ASN F 152 9.17 23.08 3.21
C ASN F 152 10.56 23.39 3.74
N LYS F 153 11.06 24.59 3.47
CA LYS F 153 12.37 24.98 3.96
C LYS F 153 12.38 24.89 5.49
N ASN F 154 13.56 24.64 6.07
CA ASN F 154 13.69 24.51 7.52
C ASN F 154 12.88 23.30 8.01
N SER F 155 12.79 22.27 7.18
CA SER F 155 12.07 21.06 7.55
C SER F 155 13.04 20.05 8.14
N THR F 156 12.55 19.26 9.09
CA THR F 156 13.37 18.25 9.75
C THR F 156 13.06 16.84 9.27
N ASN F 157 12.07 16.72 8.39
CA ASN F 157 11.66 15.42 7.87
C ASN F 157 12.61 14.96 6.77
N LYS F 158 13.03 13.70 6.83
CA LYS F 158 13.96 13.14 5.85
C LYS F 158 13.31 12.04 5.02
N SER F 159 12.00 12.07 4.91
CA SER F 159 11.29 11.05 4.14
C SER F 159 11.40 11.28 2.65
N ILE F 160 11.74 10.22 1.93
CA ILE F 160 11.91 10.25 0.48
C ILE F 160 10.69 9.65 -0.20
N VAL F 161 10.48 10.00 -1.46
CA VAL F 161 9.36 9.45 -2.20
C VAL F 161 9.84 9.07 -3.58
N LEU F 162 9.28 8.00 -4.11
CA LEU F 162 9.59 7.57 -5.46
C LEU F 162 8.24 7.77 -6.13
N ASN F 163 8.21 8.63 -7.14
CA ASN F 163 6.97 8.92 -7.85
C ASN F 163 6.68 7.84 -8.88
N THR F 164 5.86 6.89 -8.47
CA THR F 164 5.48 5.75 -9.31
C THR F 164 4.02 5.83 -9.78
N GLN F 165 3.52 7.04 -9.99
CA GLN F 165 2.13 7.25 -10.40
C GLN F 165 1.62 6.48 -11.62
N SER F 166 2.51 5.95 -12.45
CA SER F 166 2.12 5.20 -13.65
C SER F 166 1.96 3.70 -13.44
N PHE F 167 2.28 3.22 -12.24
CA PHE F 167 2.17 1.79 -11.94
C PHE F 167 0.84 1.50 -11.20
N THR F 168 0.42 0.23 -11.21
CA THR F 168 -0.80 -0.17 -10.51
C THR F 168 -0.46 -0.47 -9.06
N PHE F 169 -1.47 -0.53 -8.19
CA PHE F 169 -1.21 -0.83 -6.81
C PHE F 169 -0.58 -2.19 -6.61
N GLU F 170 -0.92 -3.13 -7.48
CA GLU F 170 -0.37 -4.47 -7.41
C GLU F 170 1.11 -4.41 -7.76
N GLU F 171 1.44 -3.63 -8.78
CA GLU F 171 2.82 -3.48 -9.21
C GLU F 171 3.62 -2.82 -8.10
N VAL F 172 3.13 -1.66 -7.62
CA VAL F 172 3.81 -0.95 -6.54
C VAL F 172 4.00 -1.83 -5.31
N GLU F 173 3.10 -2.79 -5.10
CA GLU F 173 3.22 -3.69 -3.95
C GLU F 173 4.42 -4.62 -4.09
N TYR F 174 4.61 -5.16 -5.29
CA TYR F 174 5.77 -6.02 -5.52
C TYR F 174 7.01 -5.21 -5.16
N LEU F 175 7.05 -3.97 -5.65
CA LEU F 175 8.16 -3.04 -5.42
C LEU F 175 8.38 -2.76 -3.94
N VAL F 176 7.30 -2.57 -3.18
CA VAL F 176 7.44 -2.31 -1.76
C VAL F 176 7.95 -3.55 -1.02
N LYS F 177 7.43 -4.71 -1.39
CA LYS F 177 7.84 -5.99 -0.79
C LYS F 177 9.36 -6.13 -0.88
N GLY F 178 9.86 -6.08 -2.12
CA GLY F 178 11.29 -6.18 -2.38
C GLY F 178 12.14 -5.16 -1.65
N LEU F 179 11.77 -3.87 -1.77
CA LEU F 179 12.52 -2.82 -1.10
C LEU F 179 12.58 -3.06 0.42
N ARG F 180 11.50 -3.58 0.97
CA ARG F 180 11.44 -3.84 2.40
C ARG F 180 12.31 -5.05 2.78
N ASN F 181 12.16 -6.15 2.05
CA ASN F 181 12.91 -7.36 2.34
C ASN F 181 14.39 -7.27 1.99
N LYS F 182 14.68 -6.89 0.75
CA LYS F 182 16.07 -6.80 0.29
C LYS F 182 16.93 -5.71 0.91
N PHE F 183 16.39 -4.51 1.06
CA PHE F 183 17.15 -3.39 1.62
C PHE F 183 16.72 -2.94 3.02
N GLN F 184 15.74 -3.63 3.58
CA GLN F 184 15.29 -3.30 4.93
C GLN F 184 14.88 -1.84 5.14
N LEU F 185 14.29 -1.24 4.11
CA LEU F 185 13.83 0.14 4.18
C LEU F 185 12.38 0.15 4.67
N ASN F 186 12.05 1.00 5.65
CA ASN F 186 10.68 1.08 6.09
C ASN F 186 9.96 1.95 5.06
N CYS F 187 9.35 1.32 4.05
CA CYS F 187 8.63 2.06 3.03
C CYS F 187 7.27 1.40 2.76
N TYR F 188 6.31 2.18 2.27
CA TYR F 188 4.97 1.69 1.95
C TYR F 188 4.27 2.66 0.99
N VAL F 189 3.13 2.21 0.46
CA VAL F 189 2.36 2.99 -0.52
C VAL F 189 1.53 4.16 0.02
N LYS F 190 1.50 5.22 -0.78
CA LYS F 190 0.70 6.42 -0.46
C LYS F 190 0.14 6.83 -1.81
N ILE F 191 -0.60 7.92 -1.86
CA ILE F 191 -1.15 8.35 -3.13
C ILE F 191 -0.85 9.82 -3.40
N ASN F 192 -0.89 10.17 -4.68
CA ASN F 192 -0.64 11.52 -5.16
C ASN F 192 -1.49 11.57 -6.41
N LYS F 193 -2.43 12.50 -6.47
CA LYS F 193 -3.33 12.61 -7.63
C LYS F 193 -4.01 11.26 -7.81
N ASN F 194 -4.32 10.64 -6.67
CA ASN F 194 -4.96 9.33 -6.58
C ASN F 194 -4.19 8.20 -7.27
N LYS F 195 -2.89 8.41 -7.43
CA LYS F 195 -2.00 7.42 -8.04
C LYS F 195 -1.03 6.94 -6.94
N PRO F 196 -0.60 5.68 -6.99
CA PRO F 196 0.31 5.18 -5.96
C PRO F 196 1.75 5.68 -6.07
N ILE F 197 2.33 6.06 -4.94
CA ILE F 197 3.74 6.49 -4.90
C ILE F 197 4.37 5.77 -3.71
N ILE F 198 5.69 5.62 -3.72
CA ILE F 198 6.34 4.94 -2.61
C ILE F 198 6.91 5.95 -1.64
N TYR F 199 6.55 5.80 -0.38
CA TYR F 199 6.99 6.67 0.68
C TYR F 199 8.02 5.92 1.52
N ILE F 200 9.21 6.50 1.64
CA ILE F 200 10.27 5.91 2.43
C ILE F 200 10.40 6.77 3.69
N ASP F 201 10.13 6.17 4.85
CA ASP F 201 10.20 6.88 6.12
C ASP F 201 11.61 7.40 6.45
N SER F 202 11.68 8.61 7.00
CA SER F 202 12.97 9.19 7.36
C SER F 202 13.80 8.23 8.20
N MET F 203 13.13 7.48 9.06
CA MET F 203 13.81 6.50 9.90
C MET F 203 14.74 5.59 9.08
N SER F 204 14.53 5.53 7.77
CA SER F 204 15.35 4.69 6.90
C SER F 204 16.21 5.51 5.95
N TYR F 205 16.24 6.82 6.13
CA TYR F 205 17.01 7.69 5.27
C TYR F 205 18.48 7.30 5.13
N LEU F 206 19.20 7.26 6.24
CA LEU F 206 20.61 6.92 6.21
C LEU F 206 20.89 5.62 5.47
N ILE F 207 20.05 4.61 5.66
CA ILE F 207 20.26 3.35 4.96
C ILE F 207 20.07 3.58 3.46
N PHE F 208 19.02 4.32 3.10
CA PHE F 208 18.72 4.62 1.70
C PHE F 208 19.85 5.41 1.08
N TYR F 209 20.28 6.46 1.77
CA TYR F 209 21.35 7.34 1.31
C TYR F 209 22.67 6.62 1.04
N ASN F 210 23.16 5.89 2.04
CA ASN F 210 24.41 5.17 1.86
C ASN F 210 24.38 4.18 0.72
N LEU F 211 23.22 3.60 0.45
CA LEU F 211 23.13 2.66 -0.67
C LEU F 211 23.35 3.35 -2.03
N ILE F 212 22.82 4.55 -2.20
CA ILE F 212 22.90 5.26 -3.48
C ILE F 212 24.00 6.32 -3.60
N LYS F 213 24.50 6.78 -2.47
CA LYS F 213 25.54 7.80 -2.42
C LYS F 213 26.63 7.64 -3.49
N PRO F 214 27.22 6.45 -3.60
CA PRO F 214 28.26 6.23 -4.60
C PRO F 214 27.90 6.66 -6.02
N TYR F 215 26.64 6.49 -6.40
CA TYR F 215 26.26 6.79 -7.78
C TYR F 215 25.64 8.12 -8.13
N LEU F 216 25.16 8.88 -7.16
CA LEU F 216 24.53 10.13 -7.57
C LEU F 216 25.51 11.22 -7.91
N ILE F 217 25.13 12.01 -8.93
CA ILE F 217 25.95 13.09 -9.40
C ILE F 217 25.63 14.35 -8.62
N PRO F 218 26.56 15.32 -8.61
CA PRO F 218 26.36 16.56 -7.87
C PRO F 218 25.04 17.26 -8.20
N GLN F 219 24.81 17.56 -9.47
CA GLN F 219 23.59 18.27 -9.85
C GLN F 219 22.29 17.51 -9.63
N MET F 220 22.33 16.47 -8.80
CA MET F 220 21.14 15.70 -8.49
C MET F 220 21.00 15.67 -6.98
N MET F 221 22.04 16.16 -6.31
CA MET F 221 22.09 16.21 -4.86
C MET F 221 20.93 17.01 -4.24
N TYR F 222 20.47 18.05 -4.94
CA TYR F 222 19.39 18.89 -4.48
C TYR F 222 18.13 18.06 -4.14
N LYS F 223 18.00 16.88 -4.73
CA LYS F 223 16.84 16.04 -4.45
C LYS F 223 16.85 15.49 -3.04
N LEU F 224 18.04 15.38 -2.45
CA LEU F 224 18.17 14.85 -1.09
C LEU F 224 17.81 15.88 -0.03
N PRO F 225 17.18 15.45 1.06
CA PRO F 225 16.80 16.36 2.14
C PRO F 225 18.05 17.02 2.77
CA CA G . -18.54 5.02 8.30
CA CA H . 4.75 10.83 -17.36
CA CA I . -20.33 -3.76 8.20
CA CA J . -16.20 -0.64 9.07
CA CA K . 12.54 13.06 -13.19
CA CA L . 9.27 8.75 -13.77
#